data_6GUJ
#
_entry.id   6GUJ
#
_cell.length_a   115.150
_cell.length_b   115.150
_cell.length_c   234.500
_cell.angle_alpha   90.00
_cell.angle_beta   90.00
_cell.angle_gamma   120.00
#
_symmetry.space_group_name_H-M   'P 63 2 2'
#
loop_
_entity.id
_entity.type
_entity.pdbx_description
1 polymer 'Molybdenum storage protein subunit beta'
2 polymer 'Molybdenum storage protein subunit alpha'
3 non-polymer "ADENOSINE-5'-TRIPHOSPHATE"
4 non-polymer 'bis(mu4-oxo)-tetrakis(mu3-oxo)-hexakis(mu2-oxo)-hexadecaoxo-octamolybdenum (VI)'
5 non-polymer 'MOLYBDENUM ATOM'
6 non-polymer 'MAGNESIUM ION'
7 non-polymer 'MOLYBDATE ION'
8 water water
#
loop_
_entity_poly.entity_id
_entity_poly.type
_entity_poly.pdbx_seq_one_letter_code
_entity_poly.pdbx_strand_id
1 'polypeptide(L)'
;ANSTAELEELLMQRSLTDPQLQAAAAAAADFRILPDATVIKIGGQSVIDRGRAAVYPLVDEIVAARKNHKLLIGTGAGTR
ARHLYSIAAGLGLPAGVLAQLGSSVADQNAAMLGQLLAKHGIPVVGGAGLSAVPLSLAEVNAVVFSGMPPYKLWMRPAAE
GVIPPYRTDAGCFLLAEQFGCKQMIFVKDEDGLYTANPKTSKDATFIPRISVDEMKAKGLHDSILEFPVLDLLQSAQHVR
EVQVVNGLVPGNLTRALAGEHVGTIITAS
;
B
2 'polypeptide(L)'
;TDTTNSIKHVISPLARQTLQDRDLTRPVAGKRPIRLLPWLQVVKIGGRVMDRGADAILPLVEELRKLLPEHRLLILTGAG
VRARHVFSVGLDLGLPVGSLAPLAASEAGQNGHILAAMLASEGVSYVEHPTVADQLAIHLSATRAVVGSAFPPYHHHEFP
GSRIPPHRADTGAFLLADAFGAAGLTIVENVDGIYTADPNGPDRGQARFLPETSATDLAKSEGPLPVDRALLDVMATARH
IERVQVVNGLVPGRLTAALRGEHVGTLIRTGVRPA
;
A
#
# COMPACT_ATOMS: atom_id res chain seq x y z
N ASN A 2 21.08 -16.14 15.55
CA ASN A 2 19.78 -15.53 15.35
C ASN A 2 18.72 -16.22 16.19
N SER A 3 18.34 -15.59 17.31
CA SER A 3 17.33 -16.13 18.21
C SER A 3 16.21 -15.12 18.39
N THR A 4 15.08 -15.61 18.93
CA THR A 4 13.94 -14.74 19.19
C THR A 4 14.33 -13.59 20.11
N ALA A 5 15.20 -13.85 21.09
CA ALA A 5 15.66 -12.78 21.97
C ALA A 5 16.48 -11.74 21.20
N GLU A 6 17.31 -12.19 20.25
CA GLU A 6 18.08 -11.27 19.43
C GLU A 6 17.18 -10.39 18.57
N LEU A 7 16.13 -10.97 18.00
CA LEU A 7 15.20 -10.19 17.18
C LEU A 7 14.38 -9.24 18.05
N GLU A 8 13.94 -9.70 19.22
CA GLU A 8 13.09 -8.84 20.06
C GLU A 8 13.88 -7.68 20.65
N GLU A 9 15.16 -7.88 20.96
CA GLU A 9 15.98 -6.76 21.42
C GLU A 9 16.09 -5.70 20.34
N LEU A 10 16.42 -6.11 19.11
CA LEU A 10 16.52 -5.15 18.02
C LEU A 10 15.19 -4.47 17.75
N LEU A 11 14.08 -5.24 17.80
CA LEU A 11 12.78 -4.64 17.54
C LEU A 11 12.47 -3.54 18.54
N MET A 12 12.99 -3.65 19.77
CA MET A 12 12.74 -2.63 20.78
C MET A 12 13.74 -1.47 20.70
N GLN A 13 15.01 -1.75 20.39
CA GLN A 13 16.08 -0.78 20.56
CA GLN A 13 16.05 -0.76 20.57
C GLN A 13 16.44 -0.01 19.30
N ARG A 14 16.06 -0.51 18.12
CA ARG A 14 16.48 0.12 16.88
C ARG A 14 15.28 0.60 16.08
N SER A 15 15.52 1.57 15.21
CA SER A 15 14.48 1.97 14.26
C SER A 15 14.19 0.82 13.30
N LEU A 16 12.94 0.74 12.87
CA LEU A 16 12.57 -0.26 11.87
C LEU A 16 13.41 -0.12 10.60
N THR A 17 14.02 1.05 10.36
CA THR A 17 14.88 1.26 9.20
C THR A 17 16.27 0.67 9.37
N ASP A 18 16.61 0.18 10.55
CA ASP A 18 17.97 -0.29 10.82
C ASP A 18 18.26 -1.56 10.02
N PRO A 19 19.32 -1.57 9.19
CA PRO A 19 19.62 -2.79 8.41
CA PRO A 19 19.61 -2.79 8.41
C PRO A 19 19.78 -4.04 9.27
N GLN A 20 20.30 -3.89 10.49
CA GLN A 20 20.49 -5.04 11.36
C GLN A 20 19.15 -5.63 11.78
N LEU A 21 18.18 -4.76 12.08
CA LEU A 21 16.84 -5.24 12.42
CA LEU A 21 16.84 -5.24 12.42
C LEU A 21 16.19 -5.90 11.21
N GLN A 22 16.26 -5.26 10.04
CA GLN A 22 15.66 -5.82 8.84
C GLN A 22 16.19 -7.22 8.56
N ALA A 23 17.51 -7.42 8.75
CA ALA A 23 18.12 -8.72 8.48
C ALA A 23 17.65 -9.79 9.48
N ALA A 24 17.58 -9.44 10.77
CA ALA A 24 17.04 -10.38 11.74
C ALA A 24 15.59 -10.72 11.43
N ALA A 25 14.80 -9.74 10.98
CA ALA A 25 13.42 -10.00 10.64
C ALA A 25 13.31 -10.95 9.45
N ALA A 26 14.25 -10.85 8.50
CA ALA A 26 14.22 -11.69 7.31
C ALA A 26 14.37 -13.16 7.65
N ALA A 27 14.98 -13.47 8.80
CA ALA A 27 15.21 -14.85 9.22
C ALA A 27 14.02 -15.50 9.90
N ALA A 28 12.92 -14.76 10.10
CA ALA A 28 11.75 -15.30 10.79
C ALA A 28 11.13 -16.45 9.99
N ALA A 29 10.44 -17.34 10.70
CA ALA A 29 9.70 -18.41 10.06
C ALA A 29 8.64 -17.84 9.09
N ASP A 30 8.19 -18.69 8.18
CA ASP A 30 7.34 -18.25 7.07
C ASP A 30 6.08 -19.10 7.00
N PHE A 31 4.96 -18.52 7.42
CA PHE A 31 3.67 -19.21 7.44
C PHE A 31 2.88 -18.85 6.18
N ARG A 32 2.33 -19.88 5.53
CA ARG A 32 1.41 -19.72 4.40
C ARG A 32 -0.03 -19.86 4.90
N ILE A 33 -0.84 -18.83 4.68
CA ILE A 33 -2.17 -18.80 5.27
C ILE A 33 -3.13 -19.72 4.51
N LEU A 34 -3.11 -19.67 3.18
CA LEU A 34 -3.95 -20.50 2.34
C LEU A 34 -3.08 -21.17 1.27
N PRO A 35 -2.20 -22.08 1.68
CA PRO A 35 -1.21 -22.61 0.72
C PRO A 35 -1.85 -23.41 -0.40
N ASP A 36 -3.10 -23.82 -0.26
CA ASP A 36 -3.65 -24.72 -1.27
C ASP A 36 -4.61 -24.06 -2.23
N ALA A 37 -4.74 -22.75 -2.18
CA ALA A 37 -5.69 -22.06 -3.03
C ALA A 37 -4.99 -21.49 -4.25
N THR A 38 -5.75 -21.28 -5.30
CA THR A 38 -5.29 -20.60 -6.51
C THR A 38 -6.02 -19.27 -6.62
N VAL A 39 -5.28 -18.22 -6.89
CA VAL A 39 -5.87 -16.92 -7.20
C VAL A 39 -5.97 -16.80 -8.72
N ILE A 40 -7.16 -16.45 -9.19
CA ILE A 40 -7.44 -16.24 -10.60
C ILE A 40 -7.93 -14.81 -10.78
N LYS A 41 -7.34 -14.09 -11.74
CA LYS A 41 -7.87 -12.79 -12.13
C LYS A 41 -8.65 -12.93 -13.43
N ILE A 42 -9.90 -12.48 -13.41
CA ILE A 42 -10.73 -12.39 -14.61
C ILE A 42 -10.65 -10.96 -15.12
N GLY A 43 -10.08 -10.77 -16.31
CA GLY A 43 -9.87 -9.42 -16.82
C GLY A 43 -11.18 -8.69 -17.07
N GLY A 44 -11.19 -7.40 -16.76
CA GLY A 44 -12.38 -6.60 -16.97
C GLY A 44 -12.57 -6.27 -18.43
N GLN A 45 -11.57 -5.60 -19.00
CA GLN A 45 -11.62 -5.28 -20.42
C GLN A 45 -11.52 -6.52 -21.29
N SER A 46 -10.69 -7.49 -20.90
CA SER A 46 -10.43 -8.62 -21.77
C SER A 46 -11.50 -9.69 -21.68
N VAL A 47 -12.29 -9.72 -20.60
CA VAL A 47 -13.30 -10.76 -20.45
C VAL A 47 -14.68 -10.18 -20.13
N ILE A 48 -14.81 -9.52 -18.97
CA ILE A 48 -16.15 -9.23 -18.44
C ILE A 48 -16.89 -8.22 -19.32
N ASP A 49 -16.18 -7.20 -19.82
CA ASP A 49 -16.77 -6.23 -20.71
C ASP A 49 -17.28 -6.85 -22.01
N ARG A 50 -16.83 -8.06 -22.36
CA ARG A 50 -17.28 -8.73 -23.57
C ARG A 50 -18.62 -9.42 -23.39
N GLY A 51 -19.13 -9.52 -22.17
CA GLY A 51 -20.47 -10.03 -21.99
C GLY A 51 -20.57 -11.55 -22.01
N ARG A 52 -21.76 -12.01 -22.41
CA ARG A 52 -22.15 -13.40 -22.20
CA ARG A 52 -22.17 -13.40 -22.22
C ARG A 52 -21.23 -14.38 -22.92
N ALA A 53 -20.80 -14.05 -24.15
CA ALA A 53 -20.00 -14.99 -24.92
C ALA A 53 -18.68 -15.31 -24.23
N ALA A 54 -18.13 -14.36 -23.46
CA ALA A 54 -16.89 -14.62 -22.72
C ALA A 54 -17.15 -15.09 -21.30
N VAL A 55 -18.13 -14.51 -20.62
CA VAL A 55 -18.31 -14.76 -19.20
C VAL A 55 -18.96 -16.11 -18.94
N TYR A 56 -20.01 -16.46 -19.70
CA TYR A 56 -20.73 -17.70 -19.42
C TYR A 56 -19.85 -18.94 -19.51
N PRO A 57 -19.00 -19.13 -20.53
CA PRO A 57 -18.11 -20.31 -20.49
C PRO A 57 -17.18 -20.32 -19.30
N LEU A 58 -16.70 -19.15 -18.86
CA LEU A 58 -15.81 -19.10 -17.71
C LEU A 58 -16.54 -19.44 -16.41
N VAL A 59 -17.80 -19.03 -16.29
CA VAL A 59 -18.60 -19.43 -15.14
C VAL A 59 -18.70 -20.95 -15.08
N ASP A 60 -18.99 -21.58 -16.22
CA ASP A 60 -19.09 -23.03 -16.27
C ASP A 60 -17.78 -23.69 -15.84
N GLU A 61 -16.64 -23.17 -16.29
CA GLU A 61 -15.35 -23.73 -15.89
C GLU A 61 -15.10 -23.59 -14.40
N ILE A 62 -15.38 -22.42 -13.84
CA ILE A 62 -15.21 -22.19 -12.41
C ILE A 62 -16.04 -23.20 -11.61
N VAL A 63 -17.29 -23.40 -12.02
CA VAL A 63 -18.16 -24.32 -11.30
C VAL A 63 -17.60 -25.73 -11.34
N ALA A 64 -17.16 -26.17 -12.53
CA ALA A 64 -16.56 -27.51 -12.64
C ALA A 64 -15.22 -27.57 -11.89
N ALA A 65 -14.42 -26.51 -11.96
CA ALA A 65 -13.06 -26.59 -11.41
C ALA A 65 -13.05 -26.58 -9.89
N ARG A 66 -14.04 -25.97 -9.24
CA ARG A 66 -13.94 -25.87 -7.80
C ARG A 66 -14.20 -27.20 -7.09
N LYS A 67 -14.54 -28.26 -7.84
CA LYS A 67 -14.65 -29.57 -7.22
C LYS A 67 -13.29 -30.13 -6.82
N ASN A 68 -12.24 -29.74 -7.53
CA ASN A 68 -10.89 -30.22 -7.25
C ASN A 68 -9.92 -29.11 -6.83
N HIS A 69 -10.34 -27.85 -6.81
CA HIS A 69 -9.45 -26.72 -6.63
C HIS A 69 -10.12 -25.63 -5.81
N LYS A 70 -9.41 -25.09 -4.83
CA LYS A 70 -9.87 -23.93 -4.09
C LYS A 70 -9.48 -22.67 -4.85
N LEU A 71 -10.46 -21.81 -5.12
CA LEU A 71 -10.26 -20.68 -6.02
C LEU A 71 -10.62 -19.36 -5.34
N LEU A 72 -9.73 -18.39 -5.46
CA LEU A 72 -10.02 -16.99 -5.15
C LEU A 72 -10.07 -16.26 -6.49
N ILE A 73 -11.25 -15.77 -6.86
CA ILE A 73 -11.49 -15.26 -8.20
C ILE A 73 -11.64 -13.74 -8.10
N GLY A 74 -10.66 -13.01 -8.64
CA GLY A 74 -10.64 -11.56 -8.59
C GLY A 74 -11.08 -10.93 -9.90
N THR A 75 -11.76 -9.78 -9.82
CA THR A 75 -12.24 -9.13 -11.04
C THR A 75 -11.37 -7.93 -11.41
N GLY A 76 -11.16 -7.77 -12.71
CA GLY A 76 -10.64 -6.54 -13.24
C GLY A 76 -11.73 -5.49 -13.33
N ALA A 77 -11.41 -4.39 -14.03
CA ALA A 77 -12.30 -3.22 -14.08
C ALA A 77 -12.77 -2.97 -15.51
N GLY A 78 -11.92 -2.46 -16.40
CA GLY A 78 -12.30 -2.36 -17.80
C GLY A 78 -12.64 -0.97 -18.28
N THR A 79 -13.45 -0.91 -19.34
CA THR A 79 -13.64 0.35 -20.07
C THR A 79 -14.30 1.43 -19.22
N ARG A 80 -15.16 1.06 -18.26
CA ARG A 80 -15.77 2.09 -17.42
C ARG A 80 -14.73 2.74 -16.52
N ALA A 81 -13.71 1.99 -16.10
CA ALA A 81 -12.65 2.60 -15.31
C ALA A 81 -11.81 3.55 -16.17
N ARG A 82 -11.54 3.17 -17.42
CA ARG A 82 -10.80 4.07 -18.31
C ARG A 82 -11.58 5.34 -18.59
N HIS A 83 -12.91 5.25 -18.68
CA HIS A 83 -13.70 6.46 -18.88
C HIS A 83 -13.57 7.39 -17.67
N LEU A 84 -13.69 6.83 -16.46
CA LEU A 84 -13.55 7.61 -15.24
C LEU A 84 -12.15 8.21 -15.12
N TYR A 85 -11.13 7.42 -15.45
CA TYR A 85 -9.76 7.92 -15.42
C TYR A 85 -9.60 9.11 -16.37
N SER A 86 -10.21 9.03 -17.55
CA SER A 86 -10.08 10.12 -18.52
CA SER A 86 -10.07 10.12 -18.51
C SER A 86 -10.78 11.38 -18.03
N ILE A 87 -12.00 11.24 -17.48
CA ILE A 87 -12.70 12.39 -16.91
C ILE A 87 -11.86 13.02 -15.80
N ALA A 88 -11.45 12.21 -14.83
CA ALA A 88 -10.75 12.73 -13.67
C ALA A 88 -9.40 13.30 -14.04
N ALA A 89 -8.66 12.63 -14.96
CA ALA A 89 -7.37 13.15 -15.38
C ALA A 89 -7.51 14.51 -16.06
N GLY A 90 -8.56 14.70 -16.87
CA GLY A 90 -8.76 15.98 -17.53
C GLY A 90 -9.05 17.10 -16.54
N LEU A 91 -9.51 16.77 -15.35
CA LEU A 91 -9.79 17.75 -14.31
C LEU A 91 -8.57 18.06 -13.47
N GLY A 92 -7.43 17.39 -13.71
CA GLY A 92 -6.28 17.55 -12.85
C GLY A 92 -6.36 16.79 -11.55
N LEU A 93 -7.21 15.77 -11.46
CA LEU A 93 -7.31 15.08 -10.18
C LEU A 93 -6.12 14.13 -10.02
N PRO A 94 -5.66 13.93 -8.79
CA PRO A 94 -4.45 13.12 -8.59
C PRO A 94 -4.76 11.63 -8.63
N ALA A 95 -3.67 10.84 -8.67
CA ALA A 95 -3.81 9.38 -8.81
C ALA A 95 -4.58 8.76 -7.65
N GLY A 96 -4.46 9.32 -6.44
CA GLY A 96 -5.21 8.79 -5.32
C GLY A 96 -6.71 8.88 -5.50
N VAL A 97 -7.18 9.93 -6.16
CA VAL A 97 -8.61 10.05 -6.44
C VAL A 97 -9.02 9.08 -7.55
N LEU A 98 -8.17 8.93 -8.58
CA LEU A 98 -8.48 7.98 -9.64
C LEU A 98 -8.59 6.56 -9.09
N ALA A 99 -7.71 6.20 -8.13
CA ALA A 99 -7.73 4.84 -7.59
C ALA A 99 -9.08 4.50 -6.95
N GLN A 100 -9.66 5.46 -6.20
CA GLN A 100 -10.98 5.23 -5.63
C GLN A 100 -12.02 5.01 -6.72
N LEU A 101 -11.98 5.84 -7.77
CA LEU A 101 -12.96 5.70 -8.83
C LEU A 101 -12.86 4.33 -9.50
N GLY A 102 -11.63 3.86 -9.76
CA GLY A 102 -11.46 2.59 -10.43
C GLY A 102 -11.97 1.41 -9.63
N SER A 103 -11.89 1.50 -8.29
CA SER A 103 -12.33 0.41 -7.45
CA SER A 103 -12.33 0.41 -7.45
C SER A 103 -13.82 0.13 -7.63
N SER A 104 -14.61 1.19 -7.79
CA SER A 104 -16.06 1.01 -7.93
C SER A 104 -16.38 0.14 -9.15
N VAL A 105 -15.58 0.26 -10.20
CA VAL A 105 -15.83 -0.49 -11.43
C VAL A 105 -15.48 -1.96 -11.25
N ALA A 106 -14.35 -2.24 -10.59
CA ALA A 106 -14.03 -3.62 -10.24
C ALA A 106 -15.08 -4.22 -9.32
N ASP A 107 -15.67 -3.39 -8.42
CA ASP A 107 -16.74 -3.88 -7.55
C ASP A 107 -17.95 -4.28 -8.37
N GLN A 108 -18.36 -3.43 -9.33
CA GLN A 108 -19.45 -3.77 -10.24
C GLN A 108 -19.24 -5.13 -10.87
N ASN A 109 -18.04 -5.37 -11.41
CA ASN A 109 -17.78 -6.63 -12.11
C ASN A 109 -17.84 -7.82 -11.17
N ALA A 110 -17.37 -7.65 -9.93
CA ALA A 110 -17.48 -8.73 -8.96
C ALA A 110 -18.93 -9.05 -8.66
N ALA A 111 -19.79 -8.03 -8.57
CA ALA A 111 -21.19 -8.27 -8.30
C ALA A 111 -21.85 -9.00 -9.46
N MET A 112 -21.51 -8.64 -10.70
CA MET A 112 -22.12 -9.31 -11.85
C MET A 112 -21.69 -10.76 -11.94
N LEU A 113 -20.39 -11.02 -11.77
CA LEU A 113 -19.91 -12.40 -11.72
C LEU A 113 -20.56 -13.16 -10.57
N GLY A 114 -20.60 -12.53 -9.39
CA GLY A 114 -21.12 -13.22 -8.23
C GLY A 114 -22.57 -13.65 -8.38
N GLN A 115 -23.37 -12.84 -9.07
CA GLN A 115 -24.77 -13.22 -9.25
C GLN A 115 -24.93 -14.41 -10.19
N LEU A 116 -24.01 -14.58 -11.15
CA LEU A 116 -24.08 -15.76 -12.01
C LEU A 116 -23.66 -17.03 -11.27
N LEU A 117 -22.89 -16.89 -10.19
CA LEU A 117 -22.37 -18.02 -9.43
C LEU A 117 -23.14 -18.29 -8.13
N ALA A 118 -24.05 -17.40 -7.73
CA ALA A 118 -24.70 -17.53 -6.43
C ALA A 118 -25.46 -18.86 -6.30
N LYS A 119 -26.16 -19.29 -7.35
CA LYS A 119 -26.90 -20.53 -7.24
C LYS A 119 -25.99 -21.74 -7.09
N HIS A 120 -24.69 -21.58 -7.31
CA HIS A 120 -23.73 -22.65 -7.05
C HIS A 120 -23.09 -22.54 -5.67
N GLY A 121 -23.57 -21.60 -4.83
CA GLY A 121 -23.04 -21.42 -3.50
C GLY A 121 -21.90 -20.45 -3.36
N ILE A 122 -21.33 -19.96 -4.47
CA ILE A 122 -20.13 -19.14 -4.44
C ILE A 122 -20.46 -17.68 -4.16
N PRO A 123 -19.94 -17.09 -3.09
CA PRO A 123 -20.25 -15.70 -2.74
C PRO A 123 -19.20 -14.70 -3.23
N VAL A 124 -19.63 -13.42 -3.26
CA VAL A 124 -18.73 -12.26 -3.32
C VAL A 124 -18.39 -11.88 -1.89
N VAL A 125 -17.11 -11.64 -1.60
CA VAL A 125 -16.61 -11.67 -0.22
C VAL A 125 -15.77 -10.43 0.10
N GLY A 126 -15.36 -10.37 1.39
CA GLY A 126 -14.43 -9.42 1.99
C GLY A 126 -13.45 -10.04 3.00
N GLY A 127 -12.17 -9.82 2.75
CA GLY A 127 -11.21 -10.66 3.44
C GLY A 127 -11.34 -12.05 2.87
N ALA A 128 -11.18 -12.17 1.53
CA ALA A 128 -11.28 -13.45 0.87
C ALA A 128 -10.22 -14.42 1.39
N GLY A 129 -8.98 -13.94 1.48
CA GLY A 129 -7.90 -14.74 2.01
C GLY A 129 -8.11 -15.16 3.45
N LEU A 130 -8.97 -14.45 4.19
CA LEU A 130 -9.44 -14.97 5.46
C LEU A 130 -10.82 -15.59 5.39
N SER A 131 -11.56 -15.39 4.29
CA SER A 131 -12.87 -16.02 4.19
C SER A 131 -12.66 -17.52 4.17
N ALA A 132 -12.36 -18.05 5.36
CA ALA A 132 -11.98 -19.44 5.49
C ALA A 132 -13.19 -20.35 5.36
N VAL A 133 -14.38 -19.88 5.72
CA VAL A 133 -15.52 -20.79 5.73
C VAL A 133 -15.97 -21.08 4.29
N PRO A 134 -16.06 -20.12 3.35
CA PRO A 134 -16.44 -20.53 1.99
C PRO A 134 -15.42 -21.44 1.33
N LEU A 135 -14.13 -21.23 1.60
CA LEU A 135 -13.11 -22.03 0.95
C LEU A 135 -13.03 -23.45 1.49
N SER A 136 -13.50 -23.70 2.70
CA SER A 136 -13.30 -25.00 3.32
C SER A 136 -14.38 -26.03 2.97
N LEU A 137 -15.38 -25.65 2.19
CA LEU A 137 -16.46 -26.55 1.85
C LEU A 137 -16.31 -27.10 0.43
N ALA A 138 -16.53 -28.40 0.27
CA ALA A 138 -16.54 -29.00 -1.07
C ALA A 138 -17.71 -28.48 -1.90
N GLU A 139 -18.83 -28.15 -1.25
CA GLU A 139 -19.97 -27.59 -1.95
C GLU A 139 -19.71 -26.17 -2.45
N VAL A 140 -18.67 -25.50 -1.96
CA VAL A 140 -18.37 -24.12 -2.32
C VAL A 140 -16.97 -24.01 -2.90
N ASN A 141 -15.95 -23.93 -2.04
CA ASN A 141 -14.55 -24.03 -2.46
C ASN A 141 -14.09 -22.88 -3.36
N ALA A 142 -14.81 -21.76 -3.37
CA ALA A 142 -14.45 -20.65 -4.24
C ALA A 142 -15.09 -19.38 -3.69
N VAL A 143 -14.40 -18.25 -3.89
CA VAL A 143 -14.95 -16.92 -3.58
C VAL A 143 -14.63 -15.99 -4.75
N VAL A 144 -15.47 -14.96 -4.88
CA VAL A 144 -15.26 -13.86 -5.82
C VAL A 144 -14.92 -12.61 -5.03
N PHE A 145 -13.94 -11.85 -5.51
CA PHE A 145 -13.57 -10.59 -4.87
C PHE A 145 -13.25 -9.56 -5.96
N SER A 146 -13.33 -8.30 -5.57
CA SER A 146 -12.94 -7.20 -6.44
C SER A 146 -11.42 -7.05 -6.42
N GLY A 147 -10.83 -6.86 -7.59
CA GLY A 147 -9.39 -6.97 -7.70
C GLY A 147 -8.56 -5.73 -7.39
N MET A 148 -9.18 -4.58 -7.11
CA MET A 148 -8.43 -3.35 -6.89
C MET A 148 -7.76 -3.36 -5.52
N PRO A 149 -6.53 -2.86 -5.39
CA PRO A 149 -5.92 -2.73 -4.07
C PRO A 149 -6.64 -1.68 -3.24
N PRO A 150 -6.50 -1.73 -1.92
CA PRO A 150 -7.22 -0.79 -1.05
C PRO A 150 -6.55 0.57 -0.83
N TYR A 151 -5.53 0.91 -1.61
CA TYR A 151 -4.72 2.09 -1.29
C TYR A 151 -5.52 3.38 -1.40
N LYS A 152 -6.38 3.47 -2.43
CA LYS A 152 -7.30 4.60 -2.62
C LYS A 152 -6.48 5.89 -2.58
N LEU A 153 -6.86 6.89 -1.79
CA LEU A 153 -6.18 8.17 -1.78
C LEU A 153 -4.70 8.05 -1.45
N TRP A 154 -4.29 6.99 -0.73
CA TRP A 154 -2.89 6.74 -0.42
C TRP A 154 -2.16 5.95 -1.52
N MET A 155 -2.75 5.82 -2.71
CA MET A 155 -2.07 5.21 -3.85
C MET A 155 -0.78 5.97 -4.15
N ARG A 156 0.33 5.23 -4.28
CA ARG A 156 1.54 5.90 -4.75
C ARG A 156 1.43 6.17 -6.24
N PRO A 157 1.66 7.39 -6.69
CA PRO A 157 1.54 7.69 -8.13
C PRO A 157 2.69 7.10 -8.92
N ALA A 158 2.46 6.96 -10.23
CA ALA A 158 3.54 6.61 -11.14
C ALA A 158 4.51 7.78 -11.28
N ALA A 159 5.64 7.51 -11.94
CA ALA A 159 6.61 8.58 -12.18
C ALA A 159 6.01 9.70 -13.03
N GLU A 160 5.17 9.35 -14.00
CA GLU A 160 4.50 10.31 -14.86
C GLU A 160 3.02 10.00 -14.94
N GLY A 161 2.19 11.05 -14.96
CA GLY A 161 0.76 10.90 -15.15
C GLY A 161 0.05 10.48 -13.89
N VAL A 162 -1.28 10.47 -13.97
CA VAL A 162 -2.13 10.26 -12.79
C VAL A 162 -2.81 8.90 -12.79
N ILE A 163 -2.57 8.06 -13.80
CA ILE A 163 -3.19 6.73 -13.81
C ILE A 163 -2.61 5.93 -12.65
N PRO A 164 -3.43 5.41 -11.74
CA PRO A 164 -2.91 4.58 -10.65
C PRO A 164 -2.05 3.46 -11.20
N PRO A 165 -0.81 3.31 -10.74
CA PRO A 165 0.04 2.25 -11.28
C PRO A 165 -0.30 0.88 -10.74
N TYR A 166 -0.92 0.78 -9.57
CA TYR A 166 -1.28 -0.50 -8.96
C TYR A 166 -2.78 -0.68 -9.14
N ARG A 167 -3.18 -1.54 -10.07
CA ARG A 167 -4.61 -1.73 -10.32
C ARG A 167 -4.96 -3.19 -10.09
N THR A 168 -5.80 -3.80 -10.94
CA THR A 168 -6.35 -5.09 -10.54
C THR A 168 -5.38 -6.26 -10.76
N ASP A 169 -4.42 -6.17 -11.70
CA ASP A 169 -3.38 -7.20 -11.75
C ASP A 169 -2.60 -7.21 -10.44
N ALA A 170 -2.17 -6.02 -9.98
CA ALA A 170 -1.42 -5.92 -8.74
C ALA A 170 -2.27 -6.32 -7.54
N GLY A 171 -3.54 -5.90 -7.51
CA GLY A 171 -4.38 -6.24 -6.39
C GLY A 171 -4.52 -7.74 -6.23
N CYS A 172 -4.79 -8.44 -7.34
CA CYS A 172 -4.94 -9.89 -7.28
C CYS A 172 -3.61 -10.56 -6.93
N PHE A 173 -2.51 -10.06 -7.50
CA PHE A 173 -1.23 -10.71 -7.24
C PHE A 173 -0.83 -10.59 -5.77
N LEU A 174 -1.04 -9.42 -5.16
CA LEU A 174 -0.60 -9.20 -3.79
C LEU A 174 -1.44 -10.02 -2.82
N LEU A 175 -2.70 -10.26 -3.15
CA LEU A 175 -3.53 -11.17 -2.36
C LEU A 175 -2.98 -12.58 -2.42
N ALA A 176 -2.68 -13.09 -3.62
CA ALA A 176 -2.05 -14.41 -3.73
C ALA A 176 -0.78 -14.47 -2.90
N GLU A 177 0.04 -13.42 -2.98
CA GLU A 177 1.32 -13.41 -2.28
C GLU A 177 1.14 -13.35 -0.77
N GLN A 178 0.22 -12.50 -0.31
CA GLN A 178 -0.04 -12.35 1.11
C GLN A 178 -0.49 -13.66 1.74
N PHE A 179 -1.36 -14.39 1.05
CA PHE A 179 -1.91 -15.60 1.63
C PHE A 179 -1.11 -16.85 1.29
N GLY A 180 0.02 -16.69 0.60
CA GLY A 180 0.88 -17.83 0.33
C GLY A 180 0.23 -18.87 -0.57
N CYS A 181 -0.60 -18.44 -1.52
CA CYS A 181 -1.29 -19.35 -2.41
C CYS A 181 -0.29 -20.05 -3.32
N LYS A 182 -0.70 -21.22 -3.83
CA LYS A 182 0.23 -22.03 -4.60
C LYS A 182 0.35 -21.61 -6.06
N GLN A 183 -0.53 -20.73 -6.54
CA GLN A 183 -0.67 -20.50 -7.97
C GLN A 183 -1.38 -19.17 -8.21
N MET A 184 -0.96 -18.47 -9.26
CA MET A 184 -1.56 -17.22 -9.68
C MET A 184 -1.76 -17.25 -11.19
N ILE A 185 -3.01 -17.14 -11.63
CA ILE A 185 -3.38 -17.23 -13.04
C ILE A 185 -4.10 -15.95 -13.43
N PHE A 186 -3.56 -15.24 -14.42
CA PHE A 186 -4.22 -14.08 -15.01
C PHE A 186 -4.98 -14.52 -16.24
N VAL A 187 -6.30 -14.30 -16.24
CA VAL A 187 -7.14 -14.70 -17.37
C VAL A 187 -7.42 -13.46 -18.22
N LYS A 188 -6.84 -13.44 -19.43
CA LYS A 188 -6.98 -12.32 -20.35
C LYS A 188 -7.61 -12.75 -21.67
N ASP A 189 -7.33 -12.02 -22.75
CA ASP A 189 -7.95 -12.28 -24.05
C ASP A 189 -6.92 -12.58 -25.13
N GLU A 190 -5.69 -12.92 -24.76
CA GLU A 190 -4.67 -13.37 -25.70
C GLU A 190 -4.07 -14.65 -25.17
N ASP A 191 -3.47 -15.44 -26.06
CA ASP A 191 -2.91 -16.72 -25.64
C ASP A 191 -1.82 -16.55 -24.60
N GLY A 192 -1.20 -15.38 -24.53
CA GLY A 192 -0.12 -15.14 -23.60
C GLY A 192 0.75 -14.00 -24.08
N LEU A 193 1.99 -13.99 -23.61
CA LEU A 193 2.92 -12.92 -23.96
C LEU A 193 3.51 -13.15 -25.35
N TYR A 194 3.58 -12.08 -26.14
CA TYR A 194 4.20 -12.09 -27.45
C TYR A 194 5.35 -11.10 -27.50
N THR A 195 6.16 -11.21 -28.56
CA THR A 195 7.24 -10.28 -28.80
C THR A 195 6.75 -8.84 -28.93
N ALA A 196 5.49 -8.64 -29.27
CA ALA A 196 4.86 -7.32 -29.33
C ALA A 196 3.36 -7.51 -29.15
N ASN A 197 2.67 -6.40 -28.95
CA ASN A 197 1.21 -6.45 -28.84
C ASN A 197 0.61 -7.12 -30.07
N PRO A 198 -0.03 -8.28 -29.95
CA PRO A 198 -0.56 -8.96 -31.14
C PRO A 198 -1.80 -8.30 -31.70
N LYS A 199 -2.50 -7.48 -30.91
CA LYS A 199 -3.63 -6.73 -31.46
C LYS A 199 -3.17 -5.68 -32.46
N THR A 200 -1.93 -5.21 -32.35
CA THR A 200 -1.38 -4.23 -33.28
C THR A 200 -0.35 -4.80 -34.25
N SER A 201 0.36 -5.87 -33.89
CA SER A 201 1.45 -6.40 -34.70
C SER A 201 1.02 -7.67 -35.42
N LYS A 202 1.42 -7.81 -36.68
CA LYS A 202 1.04 -8.97 -37.46
C LYS A 202 1.92 -10.19 -37.16
N ASP A 203 3.19 -9.97 -36.86
CA ASP A 203 4.18 -11.05 -36.80
C ASP A 203 4.77 -11.24 -35.41
N ALA A 204 4.06 -10.83 -34.36
CA ALA A 204 4.53 -11.08 -33.01
C ALA A 204 4.66 -12.57 -32.76
N THR A 205 5.65 -12.93 -31.94
CA THR A 205 6.02 -14.31 -31.69
C THR A 205 5.64 -14.70 -30.26
N PHE A 206 5.07 -15.89 -30.12
CA PHE A 206 4.60 -16.35 -28.82
C PHE A 206 5.77 -16.73 -27.92
N ILE A 207 5.69 -16.35 -26.66
CA ILE A 207 6.70 -16.64 -25.64
C ILE A 207 6.08 -17.58 -24.61
N PRO A 208 6.44 -18.86 -24.59
CA PRO A 208 5.86 -19.77 -23.59
C PRO A 208 6.35 -19.52 -22.17
N ARG A 209 7.57 -19.04 -21.98
CA ARG A 209 8.15 -18.95 -20.65
C ARG A 209 9.27 -17.92 -20.66
N ILE A 210 9.30 -17.08 -19.62
CA ILE A 210 10.25 -15.96 -19.58
C ILE A 210 10.35 -15.47 -18.15
N SER A 211 11.52 -14.94 -17.80
CA SER A 211 11.74 -14.32 -16.50
C SER A 211 11.49 -12.82 -16.58
N VAL A 212 11.36 -12.19 -15.42
CA VAL A 212 11.12 -10.74 -15.36
C VAL A 212 12.27 -9.99 -16.04
N ASP A 213 13.51 -10.39 -15.76
CA ASP A 213 14.66 -9.69 -16.33
C ASP A 213 14.70 -9.83 -17.84
N GLU A 214 14.42 -11.03 -18.36
CA GLU A 214 14.39 -11.20 -19.81
C GLU A 214 13.28 -10.34 -20.44
N MET A 215 12.16 -10.17 -19.73
CA MET A 215 11.09 -9.32 -20.25
C MET A 215 11.52 -7.85 -20.32
N LYS A 216 12.24 -7.38 -19.29
CA LYS A 216 12.73 -6.01 -19.30
C LYS A 216 13.74 -5.82 -20.43
N ALA A 217 14.64 -6.78 -20.61
CA ALA A 217 15.64 -6.70 -21.66
C ALA A 217 15.01 -6.65 -23.06
N LYS A 218 13.78 -7.10 -23.21
CA LYS A 218 13.09 -7.08 -24.50
C LYS A 218 12.09 -5.93 -24.64
N GLY A 219 12.05 -5.02 -23.66
CA GLY A 219 11.07 -3.95 -23.73
C GLY A 219 9.64 -4.36 -23.45
N LEU A 220 9.42 -5.57 -22.92
CA LEU A 220 8.07 -6.03 -22.57
C LEU A 220 7.71 -5.74 -21.11
N HIS A 221 8.27 -4.68 -20.51
CA HIS A 221 8.02 -4.43 -19.09
C HIS A 221 6.56 -4.07 -18.83
N ASP A 222 5.93 -3.33 -19.74
CA ASP A 222 4.53 -2.93 -19.61
C ASP A 222 3.77 -3.47 -20.83
N SER A 223 3.52 -4.78 -20.84
CA SER A 223 2.89 -5.44 -21.97
C SER A 223 1.56 -6.03 -21.51
N ILE A 224 1.50 -7.35 -21.26
CA ILE A 224 0.21 -7.97 -20.93
C ILE A 224 -0.13 -7.87 -19.45
N LEU A 225 0.84 -7.53 -18.59
CA LEU A 225 0.59 -7.30 -17.18
C LEU A 225 0.96 -5.86 -16.82
N GLU A 226 0.28 -5.31 -15.82
CA GLU A 226 0.73 -4.05 -15.23
C GLU A 226 2.20 -4.16 -14.85
N PHE A 227 3.03 -3.22 -15.34
CA PHE A 227 4.46 -3.35 -15.14
C PHE A 227 4.90 -3.43 -13.67
N PRO A 228 4.23 -2.78 -12.70
CA PRO A 228 4.65 -2.98 -11.31
C PRO A 228 4.50 -4.41 -10.83
N VAL A 229 3.58 -5.19 -11.41
CA VAL A 229 3.43 -6.59 -11.00
C VAL A 229 4.73 -7.35 -11.20
N LEU A 230 5.48 -7.01 -12.25
CA LEU A 230 6.77 -7.68 -12.48
C LEU A 230 7.75 -7.42 -11.33
N ASP A 231 7.79 -6.19 -10.84
CA ASP A 231 8.67 -5.87 -9.72
C ASP A 231 8.16 -6.49 -8.42
N LEU A 232 6.84 -6.44 -8.20
CA LEU A 232 6.23 -7.14 -7.08
C LEU A 232 6.59 -8.62 -7.11
N LEU A 233 6.63 -9.22 -8.31
CA LEU A 233 6.90 -10.64 -8.41
C LEU A 233 8.34 -10.98 -8.02
N GLN A 234 9.28 -10.09 -8.33
CA GLN A 234 10.68 -10.33 -7.97
C GLN A 234 10.94 -10.15 -6.48
N SER A 235 10.09 -9.42 -5.76
CA SER A 235 10.20 -9.27 -4.32
CA SER A 235 10.22 -9.28 -4.32
C SER A 235 9.33 -10.25 -3.55
N ALA A 236 8.56 -11.09 -4.24
CA ALA A 236 7.61 -11.96 -3.58
C ALA A 236 8.30 -13.04 -2.77
N GLN A 237 7.67 -13.41 -1.65
CA GLN A 237 8.14 -14.54 -0.85
C GLN A 237 7.49 -15.86 -1.25
N HIS A 238 6.23 -15.83 -1.67
CA HIS A 238 5.47 -17.05 -1.87
C HIS A 238 5.16 -17.35 -3.32
N VAL A 239 4.75 -16.35 -4.10
CA VAL A 239 4.32 -16.54 -5.49
C VAL A 239 5.47 -16.06 -6.37
N ARG A 240 6.31 -17.00 -6.80
CA ARG A 240 7.52 -16.70 -7.55
C ARG A 240 7.35 -16.85 -9.06
N GLU A 241 6.13 -17.15 -9.51
CA GLU A 241 5.84 -17.22 -10.93
C GLU A 241 4.33 -17.07 -11.11
N VAL A 242 3.95 -16.56 -12.27
CA VAL A 242 2.54 -16.38 -12.62
C VAL A 242 2.33 -16.96 -14.02
N GLN A 243 1.08 -17.23 -14.33
CA GLN A 243 0.72 -17.78 -15.63
C GLN A 243 -0.38 -16.93 -16.25
N VAL A 244 -0.22 -16.60 -17.53
CA VAL A 244 -1.17 -15.80 -18.28
C VAL A 244 -1.80 -16.68 -19.34
N VAL A 245 -3.14 -16.77 -19.33
CA VAL A 245 -3.87 -17.63 -20.26
C VAL A 245 -5.00 -16.85 -20.91
N ASN A 246 -5.51 -17.39 -22.02
CA ASN A 246 -6.60 -16.79 -22.78
C ASN A 246 -7.92 -17.35 -22.26
N GLY A 247 -8.71 -16.50 -21.61
CA GLY A 247 -10.01 -16.95 -21.15
C GLY A 247 -11.06 -17.10 -22.22
N LEU A 248 -10.80 -16.62 -23.43
CA LEU A 248 -11.75 -16.78 -24.54
C LEU A 248 -11.67 -18.16 -25.18
N VAL A 249 -10.69 -18.97 -24.80
CA VAL A 249 -10.54 -20.32 -25.33
C VAL A 249 -11.18 -21.28 -24.33
N PRO A 250 -12.20 -22.04 -24.71
CA PRO A 250 -12.88 -22.91 -23.74
C PRO A 250 -11.93 -23.94 -23.15
N GLY A 251 -11.96 -24.06 -21.82
CA GLY A 251 -11.17 -25.04 -21.11
C GLY A 251 -9.78 -24.59 -20.71
N ASN A 252 -9.35 -23.40 -21.17
CA ASN A 252 -8.01 -22.92 -20.85
C ASN A 252 -7.79 -22.81 -19.33
N LEU A 253 -8.78 -22.25 -18.63
CA LEU A 253 -8.65 -22.13 -17.18
C LEU A 253 -8.57 -23.51 -16.55
N THR A 254 -9.48 -24.40 -16.92
CA THR A 254 -9.48 -25.77 -16.42
C THR A 254 -8.13 -26.45 -16.65
N ARG A 255 -7.55 -26.27 -17.84
CA ARG A 255 -6.30 -26.95 -18.15
C ARG A 255 -5.13 -26.32 -17.42
N ALA A 256 -5.15 -25.00 -17.23
CA ALA A 256 -4.12 -24.35 -16.42
C ALA A 256 -4.14 -24.89 -15.00
N LEU A 257 -5.34 -25.07 -14.43
CA LEU A 257 -5.47 -25.62 -13.08
C LEU A 257 -5.04 -27.08 -12.99
N ALA A 258 -5.05 -27.81 -14.09
CA ALA A 258 -4.61 -29.20 -14.13
C ALA A 258 -3.12 -29.34 -14.37
N GLY A 259 -2.38 -28.22 -14.40
CA GLY A 259 -0.94 -28.27 -14.59
C GLY A 259 -0.46 -28.24 -16.03
N GLU A 260 -1.35 -27.99 -16.98
CA GLU A 260 -0.95 -27.92 -18.38
C GLU A 260 -0.31 -26.56 -18.67
N HIS A 261 0.70 -26.56 -19.52
CA HIS A 261 1.49 -25.35 -19.75
C HIS A 261 0.91 -24.49 -20.86
N VAL A 262 -0.41 -24.27 -20.77
CA VAL A 262 -1.06 -23.34 -21.70
CA VAL A 262 -1.09 -23.34 -21.68
C VAL A 262 -0.66 -21.92 -21.34
N GLY A 263 -0.62 -21.06 -22.36
CA GLY A 263 -0.26 -19.68 -22.11
C GLY A 263 1.22 -19.49 -21.81
N THR A 264 1.49 -18.41 -21.07
CA THR A 264 2.84 -17.98 -20.76
C THR A 264 3.07 -18.04 -19.25
N ILE A 265 4.22 -18.58 -18.86
CA ILE A 265 4.64 -18.59 -17.46
C ILE A 265 5.76 -17.56 -17.30
N ILE A 266 5.51 -16.56 -16.44
CA ILE A 266 6.48 -15.52 -16.14
C ILE A 266 7.09 -15.82 -14.77
N THR A 267 8.40 -16.02 -14.72
CA THR A 267 9.07 -16.38 -13.49
C THR A 267 9.80 -15.17 -12.90
N ALA A 268 9.92 -15.16 -11.57
CA ALA A 268 10.62 -14.06 -10.91
C ALA A 268 12.09 -14.02 -11.34
N SER A 269 12.71 -15.17 -11.51
CA SER A 269 14.12 -15.22 -11.87
C SER A 269 14.36 -16.29 -12.93
N LYS B 31 1.32 19.26 -17.13
CA LYS B 31 0.75 19.96 -15.98
C LYS B 31 0.56 18.99 -14.80
N ARG B 32 0.73 19.52 -13.58
CA ARG B 32 0.56 18.70 -12.39
C ARG B 32 -0.90 18.70 -11.94
N PRO B 33 -1.29 17.74 -11.11
CA PRO B 33 -2.67 17.75 -10.60
C PRO B 33 -2.93 18.97 -9.73
N ILE B 34 -4.21 19.36 -9.65
CA ILE B 34 -4.58 20.49 -8.80
C ILE B 34 -4.36 20.14 -7.34
N ARG B 35 -4.37 21.18 -6.51
CA ARG B 35 -4.33 21.02 -5.06
C ARG B 35 -5.76 20.95 -4.53
N LEU B 36 -6.08 19.86 -3.82
CA LEU B 36 -7.44 19.66 -3.32
C LEU B 36 -7.72 20.52 -2.08
N LEU B 37 -6.79 20.55 -1.14
CA LEU B 37 -6.91 21.33 0.09
C LEU B 37 -5.62 22.14 0.28
N PRO B 38 -5.45 23.21 -0.51
CA PRO B 38 -4.18 23.93 -0.49
C PRO B 38 -3.91 24.64 0.82
N TRP B 39 -4.94 24.91 1.62
CA TRP B 39 -4.82 25.61 2.90
C TRP B 39 -4.54 24.67 4.07
N LEU B 40 -4.46 23.37 3.84
CA LEU B 40 -4.31 22.38 4.90
C LEU B 40 -2.87 22.28 5.38
N GLN B 41 -2.69 22.10 6.69
CA GLN B 41 -1.39 21.75 7.26
C GLN B 41 -1.46 20.37 7.89
N VAL B 42 -0.58 19.47 7.48
CA VAL B 42 -0.54 18.11 8.03
C VAL B 42 0.60 18.01 9.03
N VAL B 43 0.29 17.44 10.21
CA VAL B 43 1.27 17.22 11.27
C VAL B 43 1.27 15.75 11.64
N LYS B 44 2.44 15.10 11.54
CA LYS B 44 2.58 13.71 11.96
C LYS B 44 3.28 13.65 13.31
N ILE B 45 2.65 12.99 14.28
CA ILE B 45 3.18 12.84 15.63
C ILE B 45 3.78 11.45 15.73
N GLY B 46 5.07 11.38 16.05
CA GLY B 46 5.72 10.08 16.14
C GLY B 46 5.11 9.23 17.25
N GLY B 47 4.92 7.94 16.95
CA GLY B 47 4.39 7.05 17.98
C GLY B 47 5.24 7.00 19.23
N ARG B 48 6.56 7.15 19.10
CA ARG B 48 7.44 7.13 20.26
C ARG B 48 7.32 8.39 21.11
N VAL B 49 6.90 9.51 20.54
CA VAL B 49 6.55 10.67 21.36
C VAL B 49 5.39 10.33 22.29
N MET B 50 4.32 9.73 21.74
CA MET B 50 3.19 9.30 22.56
C MET B 50 3.60 8.29 23.61
N ASP B 51 4.51 7.37 23.26
CA ASP B 51 5.00 6.36 24.19
C ASP B 51 5.54 6.95 25.48
N ARG B 52 5.95 8.21 25.47
CA ARG B 52 6.50 8.80 26.67
C ARG B 52 5.43 9.22 27.66
N GLY B 53 4.16 9.10 27.28
CA GLY B 53 3.10 9.41 28.22
C GLY B 53 3.00 10.90 28.52
N ALA B 54 2.31 11.17 29.63
CA ALA B 54 1.89 12.53 30.00
C ALA B 54 3.05 13.53 29.95
N ASP B 55 4.25 13.12 30.39
CA ASP B 55 5.38 14.06 30.42
C ASP B 55 5.63 14.67 29.05
N ALA B 56 5.41 13.92 27.98
CA ALA B 56 5.55 14.44 26.61
C ALA B 56 4.22 14.95 26.06
N ILE B 57 3.12 14.25 26.37
CA ILE B 57 1.86 14.52 25.70
C ILE B 57 1.23 15.82 26.20
N LEU B 58 1.30 16.07 27.51
CA LEU B 58 0.67 17.27 28.06
C LEU B 58 1.25 18.56 27.48
N PRO B 59 2.57 18.77 27.41
CA PRO B 59 3.07 19.98 26.74
C PRO B 59 2.74 20.02 25.27
N LEU B 60 2.70 18.86 24.59
CA LEU B 60 2.34 18.84 23.19
C LEU B 60 0.87 19.23 23.00
N VAL B 61 -0.02 18.70 23.84
CA VAL B 61 -1.43 19.06 23.76
C VAL B 61 -1.61 20.56 23.97
N GLU B 62 -0.88 21.14 24.93
CA GLU B 62 -0.99 22.58 25.18
C GLU B 62 -0.51 23.38 23.97
N GLU B 63 0.59 22.95 23.35
CA GLU B 63 1.07 23.64 22.16
C GLU B 63 0.08 23.47 21.00
N LEU B 64 -0.47 22.27 20.82
CA LEU B 64 -1.47 22.09 19.76
C LEU B 64 -2.68 22.99 19.99
N ARG B 65 -3.11 23.13 21.25
CA ARG B 65 -4.28 23.95 21.56
C ARG B 65 -4.09 25.40 21.10
N LYS B 66 -2.90 25.97 21.34
CA LYS B 66 -2.63 27.33 20.92
C LYS B 66 -2.43 27.46 19.41
N LEU B 67 -2.17 26.35 18.72
CA LEU B 67 -2.03 26.35 17.26
C LEU B 67 -3.38 26.28 16.55
N LEU B 68 -4.40 25.73 17.21
CA LEU B 68 -5.72 25.56 16.60
C LEU B 68 -6.25 26.82 15.94
N PRO B 69 -6.22 28.00 16.55
CA PRO B 69 -6.75 29.18 15.86
C PRO B 69 -5.86 29.67 14.71
N GLU B 70 -4.63 29.17 14.60
CA GLU B 70 -3.69 29.67 13.60
C GLU B 70 -3.69 28.87 12.29
N HIS B 71 -4.02 27.58 12.34
CA HIS B 71 -3.94 26.73 11.16
C HIS B 71 -5.16 25.82 11.07
N ARG B 72 -5.27 25.15 9.93
CA ARG B 72 -6.25 24.10 9.68
C ARG B 72 -5.51 22.78 9.65
N LEU B 73 -5.61 22.00 10.73
CA LEU B 73 -4.66 20.93 10.98
C LEU B 73 -5.26 19.55 10.78
N LEU B 74 -4.55 18.72 10.03
CA LEU B 74 -4.78 17.28 10.05
C LEU B 74 -3.63 16.67 10.83
N ILE B 75 -3.92 16.15 12.02
CA ILE B 75 -2.92 15.58 12.91
C ILE B 75 -2.97 14.06 12.76
N LEU B 76 -1.84 13.45 12.41
CA LEU B 76 -1.76 12.01 12.17
C LEU B 76 -0.75 11.40 13.14
N THR B 77 -1.17 10.33 13.84
CA THR B 77 -0.31 9.70 14.84
C THR B 77 0.35 8.45 14.27
N GLY B 78 1.62 8.25 14.62
CA GLY B 78 2.32 7.01 14.36
C GLY B 78 2.05 5.97 15.44
N ALA B 79 2.82 4.87 15.37
CA ALA B 79 2.54 3.65 16.13
C ALA B 79 3.41 3.50 17.38
N GLY B 80 4.73 3.55 17.23
CA GLY B 80 5.59 3.43 18.42
C GLY B 80 5.78 1.99 18.87
N VAL B 81 6.13 1.86 20.16
CA VAL B 81 6.71 0.62 20.68
C VAL B 81 5.74 -0.55 20.63
N ARG B 82 4.43 -0.31 20.79
CA ARG B 82 3.49 -1.43 20.77
C ARG B 82 3.50 -2.16 19.43
N ALA B 83 3.73 -1.44 18.33
CA ALA B 83 3.86 -2.12 17.04
C ALA B 83 5.09 -3.03 17.03
N ARG B 84 6.15 -2.63 17.73
CA ARG B 84 7.32 -3.49 17.83
C ARG B 84 6.97 -4.78 18.54
N HIS B 85 6.15 -4.71 19.59
CA HIS B 85 5.78 -5.93 20.30
C HIS B 85 4.92 -6.82 19.42
N VAL B 86 3.93 -6.24 18.72
CA VAL B 86 3.11 -7.10 17.88
C VAL B 86 3.90 -7.66 16.70
N PHE B 87 4.93 -6.93 16.23
CA PHE B 87 5.85 -7.52 15.25
C PHE B 87 6.59 -8.72 15.82
N SER B 88 7.03 -8.63 17.08
CA SER B 88 7.75 -9.75 17.69
CA SER B 88 7.76 -9.75 17.67
C SER B 88 6.87 -10.99 17.78
N VAL B 89 5.63 -10.81 18.22
CA VAL B 89 4.71 -11.94 18.29
C VAL B 89 4.40 -12.45 16.90
N GLY B 90 4.07 -11.52 15.98
CA GLY B 90 3.68 -11.92 14.64
C GLY B 90 4.77 -12.66 13.90
N LEU B 91 5.99 -12.14 13.95
CA LEU B 91 7.11 -12.81 13.28
C LEU B 91 7.36 -14.18 13.91
N ASP B 92 7.30 -14.25 15.25
CA ASP B 92 7.45 -15.54 15.92
C ASP B 92 6.39 -16.54 15.43
N LEU B 93 5.17 -16.05 15.17
CA LEU B 93 4.13 -16.90 14.57
C LEU B 93 4.33 -17.11 13.08
N GLY B 94 5.29 -16.44 12.45
CA GLY B 94 5.57 -16.63 11.04
C GLY B 94 4.72 -15.83 10.09
N LEU B 95 4.00 -14.82 10.57
CA LEU B 95 3.02 -14.16 9.72
C LEU B 95 3.70 -13.29 8.67
N PRO B 96 3.09 -13.18 7.48
CA PRO B 96 3.67 -12.37 6.40
C PRO B 96 3.47 -10.87 6.63
N VAL B 97 4.14 -10.09 5.77
CA VAL B 97 4.19 -8.64 5.96
C VAL B 97 2.80 -8.03 5.80
N GLY B 98 1.94 -8.62 4.96
CA GLY B 98 0.58 -8.14 4.83
C GLY B 98 -0.31 -8.44 6.02
N SER B 99 0.09 -9.37 6.89
CA SER B 99 -0.59 -9.54 8.17
C SER B 99 -0.06 -8.56 9.22
N LEU B 100 1.24 -8.27 9.20
CA LEU B 100 1.80 -7.39 10.21
C LEU B 100 1.40 -5.93 9.99
N ALA B 101 1.14 -5.54 8.74
CA ALA B 101 0.83 -4.14 8.44
C ALA B 101 -0.41 -3.64 9.17
N PRO B 102 -1.58 -4.29 9.09
CA PRO B 102 -2.73 -3.77 9.86
C PRO B 102 -2.55 -3.92 11.36
N LEU B 103 -1.74 -4.87 11.81
CA LEU B 103 -1.54 -5.00 13.26
C LEU B 103 -0.77 -3.81 13.82
N ALA B 104 0.18 -3.27 13.04
CA ALA B 104 0.89 -2.07 13.46
C ALA B 104 0.03 -0.83 13.31
N ALA B 105 -0.77 -0.77 12.23
CA ALA B 105 -1.66 0.38 12.04
C ALA B 105 -2.59 0.54 13.25
N SER B 106 -3.02 -0.57 13.84
CA SER B 106 -3.89 -0.51 15.01
CA SER B 106 -3.90 -0.49 15.01
C SER B 106 -3.30 0.38 16.09
N GLU B 107 -2.00 0.27 16.33
CA GLU B 107 -1.38 1.05 17.40
C GLU B 107 -1.33 2.53 17.07
N ALA B 108 -1.15 2.88 15.79
CA ALA B 108 -1.24 4.27 15.38
C ALA B 108 -2.64 4.83 15.64
N GLY B 109 -3.67 4.02 15.36
CA GLY B 109 -5.03 4.45 15.64
C GLY B 109 -5.30 4.67 17.12
N GLN B 110 -4.77 3.79 17.97
CA GLN B 110 -4.97 3.99 19.41
C GLN B 110 -4.29 5.27 19.90
N ASN B 111 -3.05 5.51 19.44
CA ASN B 111 -2.40 6.78 19.75
C ASN B 111 -3.26 7.96 19.30
N GLY B 112 -3.93 7.83 18.15
CA GLY B 112 -4.79 8.90 17.66
C GLY B 112 -6.00 9.13 18.55
N HIS B 113 -6.61 8.04 19.05
CA HIS B 113 -7.72 8.21 19.99
C HIS B 113 -7.26 8.87 21.28
N ILE B 114 -6.07 8.50 21.76
CA ILE B 114 -5.55 9.10 22.98
C ILE B 114 -5.33 10.60 22.78
N LEU B 115 -4.66 10.97 21.69
CA LEU B 115 -4.38 12.39 21.45
C LEU B 115 -5.67 13.18 21.29
N ALA B 116 -6.60 12.67 20.47
CA ALA B 116 -7.86 13.37 20.26
C ALA B 116 -8.64 13.55 21.56
N ALA B 117 -8.64 12.53 22.43
CA ALA B 117 -9.37 12.65 23.70
C ALA B 117 -8.85 13.83 24.51
N MET B 118 -7.52 14.01 24.56
CA MET B 118 -6.93 15.17 25.25
C MET B 118 -7.34 16.50 24.64
N LEU B 119 -7.77 16.52 23.38
CA LEU B 119 -8.16 17.75 22.71
C LEU B 119 -9.67 17.87 22.53
N ALA B 120 -10.45 16.94 23.10
CA ALA B 120 -11.89 16.93 22.87
C ALA B 120 -12.54 18.24 23.29
N SER B 121 -12.10 18.83 24.40
CA SER B 121 -12.77 20.03 24.90
C SER B 121 -12.59 21.23 23.98
N GLU B 122 -11.65 21.15 23.02
CA GLU B 122 -11.46 22.19 22.03
C GLU B 122 -12.15 21.88 20.71
N GLY B 123 -12.95 20.82 20.67
CA GLY B 123 -13.68 20.45 19.48
C GLY B 123 -13.00 19.44 18.57
N VAL B 124 -11.93 18.78 19.03
CA VAL B 124 -11.14 17.88 18.20
C VAL B 124 -11.59 16.45 18.45
N SER B 125 -11.77 15.68 17.37
CA SER B 125 -12.05 14.25 17.48
C SER B 125 -11.16 13.46 16.54
N TYR B 126 -11.04 12.17 16.82
CA TYR B 126 -10.45 11.22 15.90
C TYR B 126 -11.42 10.94 14.76
N VAL B 127 -10.91 10.89 13.54
CA VAL B 127 -11.71 10.50 12.37
C VAL B 127 -11.06 9.30 11.69
N GLU B 128 -11.89 8.44 11.12
CA GLU B 128 -11.47 7.24 10.44
C GLU B 128 -10.88 7.53 9.06
N HIS B 129 -10.11 6.58 8.55
CA HIS B 129 -9.51 6.68 7.21
C HIS B 129 -10.53 7.01 6.11
N PRO B 130 -11.69 6.32 6.02
CA PRO B 130 -12.65 6.72 4.97
C PRO B 130 -13.10 8.15 5.09
N THR B 131 -13.24 8.63 6.33
CA THR B 131 -13.60 10.03 6.56
C THR B 131 -12.48 10.97 6.12
N VAL B 132 -11.23 10.62 6.41
CA VAL B 132 -10.11 11.45 5.98
C VAL B 132 -10.05 11.50 4.45
N ALA B 133 -10.32 10.38 3.80
CA ALA B 133 -10.13 10.32 2.36
C ALA B 133 -11.27 10.97 1.58
N ASP B 134 -12.49 10.98 2.14
CA ASP B 134 -13.64 11.46 1.40
C ASP B 134 -14.34 12.68 2.00
N GLN B 135 -14.21 12.94 3.31
CA GLN B 135 -14.97 14.01 3.95
C GLN B 135 -14.11 14.95 4.78
N LEU B 136 -12.81 15.06 4.48
CA LEU B 136 -11.97 15.92 5.32
C LEU B 136 -12.39 17.38 5.23
N ALA B 137 -12.81 17.82 4.04
CA ALA B 137 -13.20 19.21 3.85
C ALA B 137 -14.33 19.61 4.80
N ILE B 138 -15.37 18.78 4.91
CA ILE B 138 -16.50 19.18 5.76
C ILE B 138 -16.11 19.16 7.23
N HIS B 139 -15.26 18.20 7.63
CA HIS B 139 -14.85 18.11 9.03
C HIS B 139 -13.95 19.27 9.43
N LEU B 140 -13.12 19.76 8.53
CA LEU B 140 -12.31 20.93 8.83
C LEU B 140 -13.10 22.22 8.67
N SER B 141 -14.31 22.14 8.09
CA SER B 141 -15.23 23.27 8.14
CA SER B 141 -15.22 23.28 8.16
C SER B 141 -15.94 23.33 9.50
N ALA B 142 -16.16 22.17 10.13
CA ALA B 142 -16.85 22.11 11.41
C ALA B 142 -15.95 22.50 12.58
N THR B 143 -14.66 22.17 12.50
CA THR B 143 -13.77 22.33 13.63
C THR B 143 -12.38 22.64 13.10
N ARG B 144 -11.48 23.04 14.00
CA ARG B 144 -10.19 23.56 13.56
CA ARG B 144 -10.18 23.56 13.58
C ARG B 144 -9.18 22.46 13.26
N ALA B 145 -9.29 21.30 13.91
CA ALA B 145 -8.36 20.21 13.67
C ALA B 145 -9.08 18.88 13.85
N VAL B 146 -8.59 17.86 13.15
CA VAL B 146 -8.98 16.48 13.41
C VAL B 146 -7.72 15.63 13.55
N VAL B 147 -7.89 14.46 14.16
CA VAL B 147 -6.82 13.51 14.36
C VAL B 147 -7.16 12.23 13.61
N GLY B 148 -6.14 11.63 12.97
CA GLY B 148 -6.30 10.36 12.29
C GLY B 148 -5.06 9.50 12.43
N SER B 149 -5.16 8.28 11.95
CA SER B 149 -4.02 7.37 11.93
C SER B 149 -3.13 7.70 10.75
N ALA B 150 -1.82 7.81 11.00
CA ALA B 150 -0.86 8.10 9.94
C ALA B 150 -0.59 6.90 9.03
N PHE B 151 -0.85 5.68 9.50
CA PHE B 151 -0.59 4.51 8.67
C PHE B 151 -1.53 4.51 7.46
N PRO B 152 -1.02 4.20 6.27
CA PRO B 152 -1.88 4.09 5.10
C PRO B 152 -2.58 2.75 5.08
N PRO B 153 -3.76 2.65 4.44
CA PRO B 153 -4.53 1.39 4.44
C PRO B 153 -4.04 0.41 3.37
N TYR B 154 -2.76 0.02 3.46
CA TYR B 154 -2.22 -0.98 2.56
C TYR B 154 -2.59 -2.39 2.99
N HIS B 155 -2.66 -2.63 4.31
CA HIS B 155 -3.31 -3.81 4.90
C HIS B 155 -2.67 -5.08 4.36
N HIS B 156 -3.47 -6.07 3.97
CA HIS B 156 -2.99 -7.33 3.43
C HIS B 156 -2.41 -7.18 2.03
N HIS B 157 -2.54 -5.99 1.43
CA HIS B 157 -1.91 -5.69 0.15
C HIS B 157 -0.62 -4.88 0.31
N GLU B 158 0.02 -4.95 1.47
CA GLU B 158 1.36 -4.40 1.63
C GLU B 158 2.33 -5.10 0.68
N PHE B 159 3.34 -4.34 0.22
CA PHE B 159 4.33 -4.89 -0.70
C PHE B 159 5.16 -5.96 0.02
N PRO B 160 5.57 -7.02 -0.70
CA PRO B 160 6.49 -7.99 -0.12
C PRO B 160 7.92 -7.52 -0.27
N GLY B 161 8.83 -8.26 0.37
CA GLY B 161 10.25 -8.02 0.29
C GLY B 161 10.87 -8.02 1.66
N SER B 162 10.62 -6.96 2.42
CA SER B 162 10.95 -6.94 3.83
C SER B 162 9.88 -7.67 4.62
N ARG B 163 10.29 -8.30 5.73
CA ARG B 163 9.31 -8.84 6.66
C ARG B 163 8.69 -7.74 7.53
N ILE B 164 9.22 -6.52 7.45
CA ILE B 164 8.68 -5.36 8.18
C ILE B 164 7.87 -4.52 7.19
N PRO B 165 6.61 -4.21 7.47
CA PRO B 165 5.81 -3.36 6.56
C PRO B 165 6.55 -2.07 6.23
N PRO B 166 6.76 -1.79 4.93
CA PRO B 166 7.49 -0.57 4.54
C PRO B 166 6.67 0.69 4.58
N HIS B 167 5.37 0.63 4.27
CA HIS B 167 4.55 1.85 4.17
C HIS B 167 3.98 2.18 5.54
N ARG B 168 4.76 2.89 6.36
CA ARG B 168 4.35 3.13 7.74
C ARG B 168 3.84 4.56 7.91
N ALA B 169 4.04 5.15 9.10
CA ALA B 169 3.32 6.37 9.47
C ALA B 169 3.84 7.59 8.71
N ASP B 170 5.17 7.78 8.67
CA ASP B 170 5.73 8.87 7.86
C ASP B 170 5.27 8.77 6.40
N THR B 171 5.32 7.55 5.86
CA THR B 171 4.93 7.36 4.45
C THR B 171 3.47 7.69 4.24
N GLY B 172 2.59 7.19 5.12
CA GLY B 172 1.16 7.45 4.94
C GLY B 172 0.83 8.92 5.07
N ALA B 173 1.45 9.60 6.04
CA ALA B 173 1.22 11.04 6.21
C ALA B 173 1.66 11.84 4.98
N PHE B 174 2.79 11.47 4.37
CA PHE B 174 3.24 12.21 3.21
C PHE B 174 2.36 11.93 1.98
N LEU B 175 1.99 10.67 1.77
CA LEU B 175 1.09 10.34 0.67
C LEU B 175 -0.17 11.18 0.73
N LEU B 176 -0.79 11.28 1.92
CA LEU B 176 -1.98 12.09 2.10
C LEU B 176 -1.70 13.57 1.86
N ALA B 177 -0.68 14.10 2.54
CA ALA B 177 -0.38 15.52 2.42
C ALA B 177 -0.13 15.92 0.96
N ASP B 178 0.64 15.11 0.24
CA ASP B 178 0.94 15.46 -1.15
C ASP B 178 -0.27 15.24 -2.05
N ALA B 179 -1.07 14.20 -1.79
CA ALA B 179 -2.27 13.98 -2.58
C ALA B 179 -3.24 15.16 -2.43
N PHE B 180 -3.38 15.66 -1.20
CA PHE B 180 -4.23 16.83 -0.95
C PHE B 180 -3.64 18.12 -1.51
N GLY B 181 -2.35 18.12 -1.86
CA GLY B 181 -1.70 19.38 -2.17
C GLY B 181 -1.62 20.31 -0.98
N ALA B 182 -1.44 19.75 0.22
CA ALA B 182 -1.47 20.54 1.45
C ALA B 182 -0.31 21.53 1.45
N ALA B 183 -0.43 22.54 2.33
CA ALA B 183 0.58 23.58 2.45
C ALA B 183 1.88 23.04 3.03
N GLY B 184 1.84 21.95 3.77
CA GLY B 184 3.06 21.40 4.33
C GLY B 184 2.78 20.12 5.07
N LEU B 185 3.87 19.39 5.35
CA LEU B 185 3.85 18.27 6.26
C LEU B 185 5.00 18.45 7.22
N THR B 186 4.73 18.38 8.51
CA THR B 186 5.75 18.51 9.54
C THR B 186 5.75 17.22 10.34
N ILE B 187 6.92 16.61 10.49
CA ILE B 187 7.06 15.34 11.19
C ILE B 187 7.66 15.60 12.56
N VAL B 188 6.94 15.20 13.61
CA VAL B 188 7.23 15.59 14.98
C VAL B 188 7.80 14.37 15.70
N GLU B 189 9.08 14.45 16.05
CA GLU B 189 9.88 13.31 16.50
C GLU B 189 10.31 13.48 17.94
N ASN B 190 10.98 12.45 18.47
CA ASN B 190 11.61 12.49 19.77
C ASN B 190 13.10 12.79 19.68
N VAL B 191 13.56 13.29 18.53
CA VAL B 191 14.94 13.74 18.34
C VAL B 191 14.89 15.05 17.57
N ASP B 192 16.05 15.73 17.50
CA ASP B 192 16.11 17.05 16.87
C ASP B 192 15.93 16.99 15.36
N GLY B 193 16.17 15.84 14.74
CA GLY B 193 16.09 15.71 13.30
C GLY B 193 16.87 14.48 12.86
N ILE B 194 17.46 14.57 11.68
CA ILE B 194 18.20 13.47 11.07
C ILE B 194 19.67 13.67 11.40
N TYR B 195 20.33 12.60 11.88
CA TYR B 195 21.76 12.58 12.12
C TYR B 195 22.45 11.63 11.13
N THR B 196 23.78 11.66 11.14
CA THR B 196 24.57 10.74 10.34
C THR B 196 24.59 9.33 10.91
N ALA B 197 24.09 9.14 12.12
CA ALA B 197 23.93 7.83 12.73
C ALA B 197 22.86 7.96 13.80
N ASP B 198 22.36 6.81 14.27
CA ASP B 198 21.35 6.82 15.32
C ASP B 198 21.91 7.51 16.56
N PRO B 199 21.38 8.67 16.94
CA PRO B 199 21.89 9.36 18.13
C PRO B 199 21.51 8.67 19.44
N ASN B 200 20.76 7.57 19.37
CA ASN B 200 20.46 6.74 20.52
C ASN B 200 21.00 5.33 20.36
N GLY B 201 21.83 5.09 19.36
CA GLY B 201 22.31 3.75 19.06
C GLY B 201 23.79 3.58 19.35
N PRO B 202 24.35 2.46 18.88
CA PRO B 202 25.76 2.15 19.21
C PRO B 202 26.76 3.19 18.73
N ASP B 203 26.60 3.70 17.51
CA ASP B 203 27.52 4.66 16.92
C ASP B 203 27.15 6.11 17.25
N ARG B 204 26.33 6.34 18.27
CA ARG B 204 25.94 7.65 18.76
C ARG B 204 27.08 8.66 18.83
N GLY B 205 28.30 8.20 19.07
CA GLY B 205 29.41 9.12 19.25
C GLY B 205 29.80 9.87 17.99
N GLN B 206 29.62 9.25 16.83
CA GLN B 206 29.92 9.87 15.55
C GLN B 206 28.68 10.45 14.86
N ALA B 207 27.56 10.55 15.57
CA ALA B 207 26.33 11.07 14.98
C ALA B 207 26.40 12.59 14.88
N ARG B 208 26.34 13.11 13.65
CA ARG B 208 26.38 14.55 13.40
C ARG B 208 25.02 15.02 12.89
N PHE B 209 24.55 16.15 13.41
CA PHE B 209 23.24 16.66 13.03
C PHE B 209 23.25 17.14 11.58
N LEU B 210 22.17 16.85 10.86
CA LEU B 210 21.99 17.28 9.48
C LEU B 210 20.92 18.35 9.42
N PRO B 211 21.28 19.64 9.33
CA PRO B 211 20.24 20.68 9.28
C PRO B 211 19.36 20.60 8.05
N GLU B 212 19.93 20.22 6.90
CA GLU B 212 19.17 20.10 5.66
C GLU B 212 19.67 18.91 4.88
N THR B 213 18.76 18.29 4.13
CA THR B 213 19.14 17.17 3.28
C THR B 213 18.14 17.06 2.15
N SER B 214 18.49 16.24 1.16
CA SER B 214 17.58 15.88 0.09
C SER B 214 17.18 14.43 0.22
N ALA B 215 15.96 14.13 -0.21
CA ALA B 215 15.49 12.74 -0.19
C ALA B 215 16.40 11.83 -0.99
N THR B 216 16.87 12.30 -2.17
CA THR B 216 17.71 11.43 -2.99
C THR B 216 19.05 11.16 -2.32
N ASP B 217 19.60 12.15 -1.59
CA ASP B 217 20.82 11.90 -0.85
C ASP B 217 20.59 10.88 0.26
N LEU B 218 19.50 11.03 1.01
CA LEU B 218 19.19 10.07 2.06
C LEU B 218 18.99 8.68 1.50
N ALA B 219 18.25 8.57 0.39
CA ALA B 219 17.93 7.25 -0.16
C ALA B 219 19.18 6.50 -0.61
N LYS B 220 20.24 7.23 -0.98
CA LYS B 220 21.50 6.61 -1.37
C LYS B 220 22.33 6.20 -0.16
N SER B 221 22.09 6.81 1.00
CA SER B 221 22.80 6.43 2.21
C SER B 221 22.33 5.06 2.69
N GLU B 222 23.19 4.40 3.45
CA GLU B 222 22.83 3.21 4.18
C GLU B 222 22.88 3.51 5.67
N GLY B 223 22.10 2.77 6.44
CA GLY B 223 22.02 3.01 7.86
C GLY B 223 20.65 3.48 8.26
N PRO B 224 20.39 3.53 9.56
CA PRO B 224 19.05 3.87 10.05
C PRO B 224 18.75 5.36 9.90
N LEU B 225 17.46 5.66 9.95
CA LEU B 225 16.94 7.01 9.83
C LEU B 225 15.78 7.15 10.82
N PRO B 226 15.42 8.39 11.17
CA PRO B 226 14.21 8.58 11.96
C PRO B 226 12.93 8.52 11.15
N VAL B 227 13.01 8.40 9.81
CA VAL B 227 11.85 8.37 8.93
C VAL B 227 11.89 7.06 8.13
N ASP B 228 10.70 6.57 7.72
CA ASP B 228 10.62 5.41 6.84
C ASP B 228 11.50 5.61 5.61
N ARG B 229 12.16 4.54 5.17
CA ARG B 229 12.83 4.61 3.87
C ARG B 229 11.81 4.78 2.75
N ALA B 230 10.61 4.24 2.90
CA ALA B 230 9.58 4.40 1.88
C ALA B 230 9.17 5.86 1.71
N LEU B 231 9.33 6.67 2.76
CA LEU B 231 9.05 8.10 2.65
C LEU B 231 9.91 8.73 1.57
N LEU B 232 11.20 8.34 1.50
CA LEU B 232 12.09 8.84 0.46
C LEU B 232 11.60 8.45 -0.94
N ASP B 233 11.03 7.26 -1.08
CA ASP B 233 10.56 6.83 -2.39
C ASP B 233 9.35 7.65 -2.85
N VAL B 234 8.35 7.82 -1.97
CA VAL B 234 7.18 8.57 -2.40
C VAL B 234 7.51 10.05 -2.57
N MET B 235 8.54 10.55 -1.86
CA MET B 235 8.99 11.91 -2.12
C MET B 235 9.46 12.07 -3.56
N ALA B 236 10.07 11.01 -4.12
CA ALA B 236 10.61 11.08 -5.47
C ALA B 236 9.51 11.24 -6.52
N THR B 237 8.31 10.73 -6.26
CA THR B 237 7.20 10.86 -7.19
C THR B 237 6.21 11.94 -6.76
N ALA B 238 6.55 12.74 -5.75
CA ALA B 238 5.62 13.74 -5.23
C ALA B 238 5.30 14.80 -6.28
N ARG B 239 4.13 15.42 -6.14
CA ARG B 239 3.69 16.42 -7.10
C ARG B 239 3.63 17.83 -6.55
N HIS B 240 3.59 18.01 -5.21
CA HIS B 240 3.38 19.34 -4.64
C HIS B 240 4.33 19.71 -3.50
N ILE B 241 4.48 18.83 -2.50
CA ILE B 241 5.25 19.16 -1.31
C ILE B 241 6.73 19.20 -1.65
N GLU B 242 7.36 20.36 -1.43
CA GLU B 242 8.76 20.58 -1.76
C GLU B 242 9.70 20.27 -0.59
N ARG B 243 9.24 20.48 0.64
CA ARG B 243 10.06 20.27 1.82
C ARG B 243 9.22 19.65 2.92
N VAL B 244 9.86 18.82 3.74
CA VAL B 244 9.26 18.28 4.95
C VAL B 244 10.26 18.48 6.07
N GLN B 245 9.83 19.08 7.18
CA GLN B 245 10.74 19.34 8.28
C GLN B 245 10.49 18.35 9.42
N VAL B 246 11.57 17.77 9.92
CA VAL B 246 11.54 16.88 11.08
C VAL B 246 12.00 17.68 12.29
N VAL B 247 11.17 17.74 13.33
CA VAL B 247 11.46 18.58 14.49
C VAL B 247 11.22 17.78 15.76
N ASN B 248 11.82 18.26 16.85
CA ASN B 248 11.74 17.62 18.15
C ASN B 248 10.49 18.11 18.88
N GLY B 249 9.47 17.25 18.91
CA GLY B 249 8.26 17.56 19.67
C GLY B 249 8.43 17.56 21.17
N LEU B 250 9.58 17.10 21.67
CA LEU B 250 9.85 17.19 23.11
C LEU B 250 10.38 18.56 23.51
N VAL B 251 10.60 19.46 22.56
CA VAL B 251 11.02 20.82 22.85
C VAL B 251 9.86 21.75 22.52
N PRO B 252 9.17 22.31 23.52
CA PRO B 252 8.01 23.15 23.24
C PRO B 252 8.35 24.34 22.37
N GLY B 253 7.48 24.62 21.39
CA GLY B 253 7.65 25.72 20.48
C GLY B 253 8.24 25.36 19.13
N ARG B 254 8.87 24.18 19.02
CA ARG B 254 9.46 23.82 17.72
C ARG B 254 8.40 23.52 16.68
N LEU B 255 7.35 22.79 17.06
CA LEU B 255 6.25 22.57 16.12
C LEU B 255 5.65 23.90 15.68
N THR B 256 5.39 24.80 16.63
CA THR B 256 4.84 26.11 16.28
C THR B 256 5.72 26.84 15.27
N ALA B 257 7.03 26.86 15.53
CA ALA B 257 7.95 27.54 14.63
C ALA B 257 8.00 26.86 13.26
N ALA B 258 8.00 25.52 13.24
CA ALA B 258 8.07 24.80 11.98
C ALA B 258 6.86 25.10 11.10
N LEU B 259 5.68 25.22 11.70
CA LEU B 259 4.48 25.49 10.93
C LEU B 259 4.47 26.89 10.34
N ARG B 260 5.31 27.80 10.85
CA ARG B 260 5.56 29.10 10.23
C ARG B 260 6.78 29.09 9.32
N GLY B 261 7.33 27.91 9.05
CA GLY B 261 8.47 27.80 8.15
C GLY B 261 9.80 28.14 8.75
N GLU B 262 9.89 28.26 10.08
CA GLU B 262 11.19 28.52 10.70
C GLU B 262 11.98 27.22 10.77
N HIS B 263 13.29 27.33 10.58
CA HIS B 263 14.17 26.17 10.49
C HIS B 263 14.65 25.81 11.89
N VAL B 264 14.03 24.78 12.49
CA VAL B 264 14.36 24.35 13.84
C VAL B 264 14.67 22.87 13.93
N GLY B 265 14.64 22.14 12.82
CA GLY B 265 15.02 20.75 12.78
C GLY B 265 15.72 20.42 11.48
N THR B 266 15.47 19.23 10.93
CA THR B 266 16.02 18.84 9.64
C THR B 266 14.99 19.08 8.54
N LEU B 267 15.40 19.79 7.51
CA LEU B 267 14.59 19.99 6.31
C LEU B 267 14.93 18.90 5.29
N ILE B 268 13.91 18.21 4.79
CA ILE B 268 14.09 17.24 3.71
C ILE B 268 13.52 17.82 2.43
N ARG B 269 14.38 18.05 1.45
CA ARG B 269 13.93 18.46 0.12
C ARG B 269 13.46 17.24 -0.68
N THR B 270 12.25 17.31 -1.22
CA THR B 270 11.63 16.18 -1.89
C THR B 270 12.01 16.05 -3.36
N GLY B 271 12.47 17.12 -4.00
CA GLY B 271 12.70 17.08 -5.42
C GLY B 271 11.52 17.50 -6.28
N VAL B 272 10.36 17.76 -5.70
CA VAL B 272 9.39 18.63 -6.36
C VAL B 272 10.01 20.02 -6.41
N ARG B 273 10.03 20.63 -7.60
CA ARG B 273 10.37 22.05 -7.68
C ARG B 273 9.37 22.78 -8.58
N PRO B 274 9.22 24.10 -8.40
CA PRO B 274 7.92 24.75 -8.67
C PRO B 274 7.46 24.67 -10.12
N ALA B 275 6.18 25.00 -10.30
CA ALA B 275 5.54 25.03 -11.61
C ALA B 275 5.99 26.26 -12.40
#